data_1T01
#
_entry.id   1T01
#
_cell.length_a   51.645
_cell.length_b   71.421
_cell.length_c   96.093
_cell.angle_alpha   90.00
_cell.angle_beta   90.00
_cell.angle_gamma   90.00
#
_symmetry.space_group_name_H-M   'P 21 21 2'
#
loop_
_entity.id
_entity.type
_entity.pdbx_description
1 polymer 'unnamed protein product'
2 polymer 'Talin 1'
3 water water
#
loop_
_entity_poly.entity_id
_entity_poly.type
_entity_poly.pdbx_seq_one_letter_code
_entity_poly.pdbx_strand_id
1 'polypeptide(L)'
;AMPVFHTRTIESILEPVAQQISHLVIMHEEGEVDGKAIPDLTAPVSAVQAAVSNLVRVGKETVQTTEDQILKRDMPPAFI
KVENACTKLVRAAQMLQADPYSVPARDYLIDGSRGILSGTSDLLLTFDEAEVRKIIRVCKGILEYLTVAEVVETMEDLVT
YTKNLGPGMTKMAKMIDERQQELTHQEHRVMLVNSMNTVKELLPVLISAMKIFVTTKNTKSQGIEEALKNRNFTVEKMSA
EINEIIRVLQLTSWD
;
A
2 'polypeptide(L)' GRPLLQAAKGLAGAVSELLRSAQP B
#
# COMPACT_ATOMS: atom_id res chain seq x y z
N ALA A 1 -5.27 -0.88 -14.68
CA ALA A 1 -6.65 -0.50 -14.27
C ALA A 1 -6.91 0.95 -14.63
N MET A 2 -8.17 1.30 -14.82
CA MET A 2 -8.54 2.66 -15.19
C MET A 2 -7.89 3.68 -14.26
N PRO A 3 -7.99 3.48 -12.93
CA PRO A 3 -7.39 4.45 -12.03
C PRO A 3 -5.87 4.30 -11.92
N VAL A 4 -5.23 5.39 -11.52
CA VAL A 4 -3.79 5.40 -11.34
C VAL A 4 -3.49 4.40 -10.23
N PHE A 5 -2.39 3.66 -10.33
CA PHE A 5 -2.07 2.73 -9.26
C PHE A 5 -1.72 3.51 -8.00
N HIS A 6 -2.08 2.93 -6.87
CA HIS A 6 -1.92 3.54 -5.55
C HIS A 6 -0.55 4.03 -5.13
N THR A 7 0.48 3.23 -5.37
CA THR A 7 1.84 3.61 -5.00
C THR A 7 2.79 3.47 -6.17
N ARG A 8 3.95 4.10 -6.06
CA ARG A 8 4.92 4.03 -7.14
C ARG A 8 5.43 2.60 -7.33
N THR A 9 5.49 1.84 -6.25
CA THR A 9 5.94 0.45 -6.34
C THR A 9 4.96 -0.40 -7.15
N ILE A 10 3.68 -0.31 -6.79
CA ILE A 10 2.66 -1.06 -7.50
C ILE A 10 2.61 -0.58 -8.94
N GLU A 11 2.82 0.72 -9.10
CA GLU A 11 2.80 1.34 -10.42
C GLU A 11 3.91 0.77 -11.33
N SER A 12 5.13 0.75 -10.81
CA SER A 12 6.26 0.24 -11.58
C SER A 12 6.11 -1.25 -11.91
N ILE A 13 5.30 -1.95 -11.11
CA ILE A 13 5.07 -3.38 -11.33
C ILE A 13 3.95 -3.66 -12.32
N LEU A 14 2.82 -2.98 -12.17
CA LEU A 14 1.70 -3.27 -13.04
C LEU A 14 1.43 -2.37 -14.23
N GLU A 15 1.95 -1.14 -14.22
CA GLU A 15 1.71 -0.22 -15.32
C GLU A 15 2.01 -0.82 -16.71
N PRO A 16 3.20 -1.45 -16.87
CA PRO A 16 3.51 -2.02 -18.18
C PRO A 16 2.52 -3.09 -18.65
N VAL A 17 1.97 -3.85 -17.70
CA VAL A 17 1.01 -4.89 -18.04
C VAL A 17 -0.30 -4.26 -18.51
N ALA A 18 -0.77 -3.28 -17.76
CA ALA A 18 -2.01 -2.60 -18.12
C ALA A 18 -1.87 -2.03 -19.53
N GLN A 19 -0.74 -1.41 -19.81
CA GLN A 19 -0.53 -0.81 -21.13
C GLN A 19 -0.50 -1.87 -22.24
N GLN A 20 0.18 -2.99 -21.99
CA GLN A 20 0.27 -4.05 -23.00
C GLN A 20 -1.09 -4.68 -23.28
N ILE A 21 -1.96 -4.72 -22.28
CA ILE A 21 -3.30 -5.28 -22.47
C ILE A 21 -4.12 -4.33 -23.35
N SER A 22 -3.96 -3.03 -23.14
CA SER A 22 -4.66 -2.04 -23.96
C SER A 22 -4.26 -2.26 -25.43
N HIS A 23 -2.95 -2.39 -25.65
CA HIS A 23 -2.43 -2.61 -26.99
C HIS A 23 -3.02 -3.88 -27.60
N LEU A 24 -3.15 -4.93 -26.78
CA LEU A 24 -3.72 -6.21 -27.23
C LEU A 24 -5.17 -6.00 -27.65
N VAL A 25 -5.93 -5.30 -26.81
CA VAL A 25 -7.33 -5.04 -27.10
C VAL A 25 -7.48 -4.24 -28.40
N ILE A 26 -6.71 -3.17 -28.53
CA ILE A 26 -6.77 -2.33 -29.73
C ILE A 26 -6.50 -3.17 -30.97
N MET A 27 -5.49 -4.03 -30.89
CA MET A 27 -5.10 -4.88 -31.99
C MET A 27 -6.13 -5.97 -32.33
N HIS A 28 -6.67 -6.62 -31.29
CA HIS A 28 -7.60 -7.72 -31.48
C HIS A 28 -9.10 -7.48 -31.56
N GLU A 29 -9.82 -8.31 -30.81
CA GLU A 29 -11.28 -8.33 -30.73
C GLU A 29 -12.00 -7.00 -30.61
N GLU A 30 -11.47 -6.09 -29.79
CA GLU A 30 -12.10 -4.79 -29.64
C GLU A 30 -11.34 -3.76 -30.46
N GLY A 31 -10.65 -4.23 -31.49
CA GLY A 31 -9.88 -3.35 -32.34
C GLY A 31 -10.04 -3.57 -33.83
N GLU A 32 -8.94 -3.35 -34.54
CA GLU A 32 -8.90 -3.49 -35.98
C GLU A 32 -9.53 -4.78 -36.50
N VAL A 33 -8.69 -5.74 -36.87
CA VAL A 33 -9.14 -7.02 -37.41
C VAL A 33 -7.99 -7.97 -37.55
N ASP A 34 -7.68 -8.77 -36.54
CA ASP A 34 -6.58 -9.68 -36.77
C ASP A 34 -6.99 -11.13 -36.91
N GLY A 35 -7.63 -11.42 -38.04
CA GLY A 35 -8.05 -12.75 -38.38
C GLY A 35 -6.76 -13.37 -38.90
N LYS A 36 -5.66 -12.87 -38.36
CA LYS A 36 -4.33 -13.34 -38.71
C LYS A 36 -3.93 -14.27 -37.57
N ALA A 37 -3.26 -15.36 -37.95
CA ALA A 37 -2.83 -16.39 -37.02
C ALA A 37 -1.95 -15.95 -35.86
N ILE A 38 -2.37 -16.28 -34.64
CA ILE A 38 -1.60 -15.97 -33.45
C ILE A 38 -0.69 -17.18 -33.24
N PRO A 39 0.63 -16.96 -33.14
CA PRO A 39 1.54 -18.09 -32.95
C PRO A 39 1.23 -18.92 -31.70
N ASP A 40 1.94 -20.04 -31.56
CA ASP A 40 1.74 -20.92 -30.42
C ASP A 40 2.13 -20.24 -29.12
N LEU A 41 1.21 -20.20 -28.16
CA LEU A 41 1.48 -19.55 -26.89
C LEU A 41 1.73 -20.55 -25.79
N THR A 42 1.81 -21.82 -26.13
CA THR A 42 2.03 -22.84 -25.11
C THR A 42 3.20 -22.51 -24.18
N ALA A 43 4.34 -22.13 -24.76
CA ALA A 43 5.52 -21.79 -23.97
C ALA A 43 5.31 -20.56 -23.07
N PRO A 44 4.99 -19.40 -23.67
CA PRO A 44 4.80 -18.22 -22.82
C PRO A 44 3.68 -18.37 -21.79
N VAL A 45 2.68 -19.19 -22.10
CA VAL A 45 1.61 -19.41 -21.15
C VAL A 45 2.09 -20.30 -19.99
N SER A 46 2.93 -21.29 -20.30
CA SER A 46 3.43 -22.17 -19.24
C SER A 46 4.27 -21.33 -18.29
N ALA A 47 5.01 -20.38 -18.84
CA ALA A 47 5.83 -19.49 -18.01
C ALA A 47 4.93 -18.69 -17.05
N VAL A 48 3.78 -18.24 -17.54
CA VAL A 48 2.86 -17.48 -16.69
C VAL A 48 2.36 -18.39 -15.57
N GLN A 49 1.97 -19.60 -15.95
CA GLN A 49 1.48 -20.62 -15.01
C GLN A 49 2.52 -20.83 -13.90
N ALA A 50 3.80 -20.84 -14.27
CA ALA A 50 4.88 -21.02 -13.30
C ALA A 50 4.99 -19.76 -12.42
N ALA A 51 4.89 -18.59 -13.03
CA ALA A 51 4.98 -17.33 -12.28
C ALA A 51 3.78 -17.22 -11.35
N VAL A 52 2.65 -17.79 -11.75
CA VAL A 52 1.47 -17.74 -10.91
C VAL A 52 1.61 -18.66 -9.70
N SER A 53 2.13 -19.87 -9.90
CA SER A 53 2.29 -20.76 -8.77
C SER A 53 3.34 -20.20 -7.81
N ASN A 54 4.35 -19.51 -8.36
CA ASN A 54 5.39 -18.92 -7.53
C ASN A 54 4.75 -17.81 -6.66
N LEU A 55 4.01 -16.90 -7.30
CA LEU A 55 3.37 -15.82 -6.55
C LEU A 55 2.46 -16.36 -5.45
N VAL A 56 1.65 -17.35 -5.78
CA VAL A 56 0.75 -17.96 -4.80
C VAL A 56 1.52 -18.66 -3.67
N ARG A 57 2.68 -19.23 -3.98
CA ARG A 57 3.50 -19.90 -2.97
C ARG A 57 3.99 -18.85 -1.98
N VAL A 58 4.48 -17.72 -2.50
CA VAL A 58 4.95 -16.65 -1.65
C VAL A 58 3.78 -16.04 -0.89
N GLY A 59 2.66 -15.85 -1.57
CA GLY A 59 1.49 -15.28 -0.93
C GLY A 59 0.99 -16.09 0.27
N LYS A 60 0.90 -17.41 0.09
CA LYS A 60 0.44 -18.26 1.17
C LYS A 60 1.40 -18.21 2.36
N GLU A 61 2.68 -18.02 2.10
CA GLU A 61 3.66 -17.94 3.18
C GLU A 61 3.35 -16.71 4.02
N THR A 62 2.86 -15.66 3.35
CA THR A 62 2.50 -14.40 3.98
C THR A 62 1.27 -14.57 4.87
N VAL A 63 0.27 -15.32 4.37
CA VAL A 63 -0.96 -15.54 5.11
C VAL A 63 -0.75 -16.26 6.44
N GLN A 64 0.06 -17.32 6.41
CA GLN A 64 0.34 -18.11 7.60
C GLN A 64 1.53 -17.61 8.41
N THR A 65 1.95 -16.38 8.14
CA THR A 65 3.07 -15.78 8.84
C THR A 65 2.76 -14.35 9.29
N THR A 66 1.53 -13.90 9.01
CA THR A 66 1.11 -12.56 9.38
C THR A 66 0.20 -12.53 10.61
N GLU A 67 0.20 -11.41 11.32
CA GLU A 67 -0.64 -11.22 12.50
C GLU A 67 -1.92 -10.49 12.10
N ASP A 68 -1.88 -9.84 10.94
CA ASP A 68 -3.02 -9.10 10.42
C ASP A 68 -4.11 -10.07 9.98
N GLN A 69 -5.23 -10.05 10.68
CA GLN A 69 -6.36 -10.92 10.38
C GLN A 69 -7.07 -10.55 9.09
N ILE A 70 -6.98 -9.29 8.70
CA ILE A 70 -7.60 -8.83 7.46
C ILE A 70 -6.75 -9.35 6.29
N LEU A 71 -5.44 -9.26 6.44
CA LEU A 71 -4.50 -9.73 5.44
C LEU A 71 -4.79 -11.24 5.20
N LYS A 72 -4.94 -12.00 6.28
CA LYS A 72 -5.23 -13.43 6.16
C LYS A 72 -6.52 -13.69 5.40
N ARG A 73 -7.53 -12.86 5.64
CA ARG A 73 -8.83 -13.00 5.00
C ARG A 73 -8.92 -12.52 3.54
N ASP A 74 -8.23 -11.45 3.20
CA ASP A 74 -8.31 -10.90 1.85
C ASP A 74 -7.38 -11.43 0.77
N MET A 75 -6.27 -12.04 1.17
CA MET A 75 -5.32 -12.53 0.18
C MET A 75 -5.75 -13.78 -0.58
N PRO A 76 -6.34 -14.77 0.11
CA PRO A 76 -6.77 -15.97 -0.60
C PRO A 76 -7.67 -15.73 -1.81
N PRO A 77 -8.65 -14.80 -1.69
CA PRO A 77 -9.51 -14.53 -2.84
C PRO A 77 -8.70 -14.10 -4.07
N ALA A 78 -7.61 -13.40 -3.83
CA ALA A 78 -6.75 -12.95 -4.93
C ALA A 78 -6.04 -14.14 -5.56
N PHE A 79 -5.67 -15.13 -4.76
CA PHE A 79 -5.00 -16.33 -5.27
C PHE A 79 -5.96 -16.99 -6.26
N ILE A 80 -7.21 -17.13 -5.83
CA ILE A 80 -8.24 -17.74 -6.65
C ILE A 80 -8.39 -16.97 -7.95
N LYS A 81 -8.51 -15.65 -7.85
CA LYS A 81 -8.66 -14.83 -9.04
C LYS A 81 -7.50 -15.03 -10.02
N VAL A 82 -6.26 -14.96 -9.54
CA VAL A 82 -5.11 -15.14 -10.44
C VAL A 82 -5.07 -16.56 -11.04
N GLU A 83 -5.34 -17.57 -10.21
CA GLU A 83 -5.33 -18.94 -10.68
C GLU A 83 -6.41 -19.19 -11.71
N ASN A 84 -7.60 -18.64 -11.48
CA ASN A 84 -8.69 -18.82 -12.43
C ASN A 84 -8.40 -18.10 -13.75
N ALA A 85 -7.75 -16.94 -13.67
CA ALA A 85 -7.41 -16.17 -14.87
C ALA A 85 -6.40 -16.98 -15.68
N CYS A 86 -5.48 -17.61 -14.96
CA CYS A 86 -4.45 -18.42 -15.57
C CYS A 86 -5.07 -19.58 -16.37
N THR A 87 -6.10 -20.19 -15.81
CA THR A 87 -6.78 -21.29 -16.49
C THR A 87 -7.34 -20.87 -17.85
N LYS A 88 -7.78 -19.63 -17.98
CA LYS A 88 -8.28 -19.14 -19.27
C LYS A 88 -7.14 -19.02 -20.28
N LEU A 89 -5.96 -18.65 -19.81
CA LEU A 89 -4.82 -18.53 -20.72
C LEU A 89 -4.35 -19.91 -21.19
N VAL A 90 -4.33 -20.88 -20.28
CA VAL A 90 -3.92 -22.23 -20.66
C VAL A 90 -4.90 -22.70 -21.74
N ARG A 91 -6.20 -22.50 -21.50
CA ARG A 91 -7.24 -22.89 -22.45
C ARG A 91 -7.03 -22.16 -23.79
N ALA A 92 -6.59 -20.90 -23.72
CA ALA A 92 -6.35 -20.13 -24.93
C ALA A 92 -5.21 -20.75 -25.74
N ALA A 93 -4.16 -21.19 -25.06
CA ALA A 93 -3.04 -21.80 -25.78
C ALA A 93 -3.50 -23.07 -26.48
N GLN A 94 -4.29 -23.88 -25.79
CA GLN A 94 -4.83 -25.12 -26.34
C GLN A 94 -5.59 -24.84 -27.62
N MET A 95 -6.57 -23.94 -27.53
CA MET A 95 -7.39 -23.59 -28.69
C MET A 95 -6.55 -23.10 -29.84
N LEU A 96 -5.56 -22.27 -29.55
CA LEU A 96 -4.69 -21.72 -30.59
C LEU A 96 -3.80 -22.78 -31.21
N GLN A 97 -3.48 -23.83 -30.46
CA GLN A 97 -2.66 -24.88 -31.01
C GLN A 97 -3.51 -25.58 -32.08
N ALA A 98 -4.82 -25.64 -31.82
CA ALA A 98 -5.77 -26.27 -32.73
C ALA A 98 -6.22 -25.32 -33.85
N ASP A 99 -6.34 -24.04 -33.51
CA ASP A 99 -6.79 -23.06 -34.48
C ASP A 99 -6.25 -21.68 -34.18
N PRO A 100 -5.21 -21.23 -34.91
CA PRO A 100 -4.61 -19.91 -34.71
C PRO A 100 -5.58 -18.76 -34.88
N TYR A 101 -6.73 -19.02 -35.49
CA TYR A 101 -7.72 -17.98 -35.73
C TYR A 101 -8.87 -18.07 -34.75
N SER A 102 -8.76 -18.96 -33.77
CA SER A 102 -9.81 -19.13 -32.78
C SER A 102 -10.23 -17.81 -32.13
N VAL A 103 -11.49 -17.45 -32.25
CA VAL A 103 -11.98 -16.22 -31.66
C VAL A 103 -12.08 -16.38 -30.14
N PRO A 104 -12.57 -17.54 -29.68
CA PRO A 104 -12.68 -17.77 -28.25
C PRO A 104 -11.31 -17.65 -27.59
N ALA A 105 -10.28 -18.12 -28.28
CA ALA A 105 -8.93 -18.04 -27.76
C ALA A 105 -8.54 -16.59 -27.52
N ARG A 106 -8.85 -15.72 -28.47
CA ARG A 106 -8.50 -14.31 -28.34
C ARG A 106 -9.21 -13.64 -27.17
N ASP A 107 -10.48 -13.98 -26.96
CA ASP A 107 -11.23 -13.39 -25.85
C ASP A 107 -10.69 -13.92 -24.53
N TYR A 108 -10.23 -15.17 -24.51
CA TYR A 108 -9.66 -15.76 -23.32
C TYR A 108 -8.33 -15.08 -23.00
N LEU A 109 -7.56 -14.79 -24.04
CA LEU A 109 -6.27 -14.15 -23.85
C LEU A 109 -6.45 -12.79 -23.16
N ILE A 110 -7.42 -12.03 -23.64
CA ILE A 110 -7.72 -10.72 -23.08
C ILE A 110 -8.28 -10.80 -21.66
N ASP A 111 -9.28 -11.65 -21.47
CA ASP A 111 -9.90 -11.82 -20.16
C ASP A 111 -8.91 -12.39 -19.15
N GLY A 112 -8.16 -13.39 -19.57
CA GLY A 112 -7.19 -14.00 -18.69
C GLY A 112 -6.12 -13.02 -18.24
N SER A 113 -5.65 -12.19 -19.17
CA SER A 113 -4.62 -11.21 -18.86
C SER A 113 -5.22 -10.19 -17.90
N ARG A 114 -6.41 -9.67 -18.23
CA ARG A 114 -7.07 -8.71 -17.34
C ARG A 114 -7.27 -9.33 -15.96
N GLY A 115 -7.68 -10.59 -15.94
CA GLY A 115 -7.88 -11.29 -14.69
C GLY A 115 -6.61 -11.39 -13.88
N ILE A 116 -5.49 -11.69 -14.53
CA ILE A 116 -4.24 -11.76 -13.79
C ILE A 116 -3.84 -10.37 -13.31
N LEU A 117 -4.04 -9.36 -14.14
CA LEU A 117 -3.71 -7.99 -13.73
C LEU A 117 -4.54 -7.60 -12.51
N SER A 118 -5.85 -7.85 -12.59
CA SER A 118 -6.76 -7.53 -11.49
C SER A 118 -6.45 -8.29 -10.19
N GLY A 119 -6.19 -9.59 -10.31
CA GLY A 119 -5.88 -10.37 -9.13
C GLY A 119 -4.56 -9.97 -8.50
N THR A 120 -3.56 -9.68 -9.33
CA THR A 120 -2.27 -9.27 -8.81
C THR A 120 -2.42 -7.89 -8.16
N SER A 121 -3.26 -7.06 -8.77
CA SER A 121 -3.55 -5.74 -8.25
C SER A 121 -4.18 -5.86 -6.84
N ASP A 122 -5.24 -6.66 -6.71
CA ASP A 122 -5.90 -6.83 -5.40
C ASP A 122 -4.92 -7.32 -4.37
N LEU A 123 -4.10 -8.29 -4.77
CA LEU A 123 -3.12 -8.89 -3.89
C LEU A 123 -2.11 -7.87 -3.35
N LEU A 124 -1.62 -6.99 -4.23
CA LEU A 124 -0.67 -5.96 -3.81
C LEU A 124 -1.35 -4.88 -2.96
N LEU A 125 -2.63 -4.59 -3.23
CA LEU A 125 -3.35 -3.58 -2.45
C LEU A 125 -3.66 -4.10 -1.04
N THR A 126 -3.90 -5.39 -0.92
CA THR A 126 -4.19 -5.99 0.38
C THR A 126 -2.92 -5.92 1.20
N PHE A 127 -1.80 -6.21 0.56
CA PHE A 127 -0.53 -6.14 1.25
C PHE A 127 -0.26 -4.69 1.68
N ASP A 128 -0.46 -3.77 0.73
CA ASP A 128 -0.23 -2.36 0.99
C ASP A 128 -1.12 -1.85 2.13
N GLU A 129 -2.36 -2.30 2.17
CA GLU A 129 -3.27 -1.89 3.23
C GLU A 129 -2.79 -2.44 4.59
N ALA A 130 -2.19 -3.62 4.57
CA ALA A 130 -1.67 -4.20 5.81
C ALA A 130 -0.50 -3.33 6.24
N GLU A 131 0.28 -2.89 5.27
CA GLU A 131 1.45 -2.06 5.51
C GLU A 131 1.05 -0.73 6.14
N VAL A 132 -0.05 -0.17 5.66
CA VAL A 132 -0.55 1.10 6.17
C VAL A 132 -1.08 0.93 7.60
N ARG A 133 -1.68 -0.21 7.90
CA ARG A 133 -2.20 -0.43 9.25
C ARG A 133 -1.07 -0.41 10.27
N LYS A 134 0.11 -0.83 9.86
CA LYS A 134 1.27 -0.81 10.75
C LYS A 134 1.59 0.63 11.12
N ILE A 135 1.50 1.52 10.15
CA ILE A 135 1.78 2.94 10.37
C ILE A 135 0.72 3.57 11.25
N ILE A 136 -0.52 3.16 11.05
CA ILE A 136 -1.62 3.70 11.84
C ILE A 136 -1.49 3.28 13.31
N ARG A 137 -0.94 2.10 13.53
CA ARG A 137 -0.74 1.59 14.89
C ARG A 137 0.31 2.42 15.61
N VAL A 138 1.35 2.81 14.89
CA VAL A 138 2.40 3.63 15.46
C VAL A 138 1.80 5.00 15.77
N CYS A 139 0.97 5.50 14.87
CA CYS A 139 0.32 6.78 15.05
C CYS A 139 -0.64 6.76 16.24
N LYS A 140 -1.41 5.69 16.38
CA LYS A 140 -2.35 5.61 17.51
C LYS A 140 -1.59 5.46 18.83
N GLY A 141 -0.41 4.84 18.75
CA GLY A 141 0.40 4.66 19.95
C GLY A 141 0.91 5.99 20.47
N ILE A 142 1.16 6.93 19.56
CA ILE A 142 1.63 8.24 19.96
C ILE A 142 0.44 9.06 20.47
N LEU A 143 -0.74 8.79 19.92
CA LEU A 143 -1.95 9.49 20.37
C LEU A 143 -2.18 9.11 21.82
N GLU A 144 -2.13 7.81 22.08
CA GLU A 144 -2.31 7.28 23.43
C GLU A 144 -1.30 7.93 24.36
N TYR A 145 -0.04 7.92 23.98
CA TYR A 145 0.99 8.50 24.83
C TYR A 145 0.83 10.00 25.10
N LEU A 146 0.42 10.76 24.09
CA LEU A 146 0.22 12.19 24.29
C LEU A 146 -0.86 12.39 25.35
N THR A 147 -1.75 11.42 25.44
CA THR A 147 -2.85 11.44 26.37
C THR A 147 -2.40 11.35 27.84
N VAL A 148 -1.21 10.81 28.07
CA VAL A 148 -0.72 10.68 29.43
C VAL A 148 0.13 11.89 29.82
N ALA A 149 0.27 12.85 28.90
CA ALA A 149 1.05 14.04 29.17
C ALA A 149 0.49 14.72 30.43
N GLU A 150 -0.83 14.62 30.61
CA GLU A 150 -1.53 15.20 31.76
C GLU A 150 -0.86 14.84 33.09
N VAL A 151 -0.50 13.57 33.23
CA VAL A 151 0.10 13.04 34.45
C VAL A 151 1.41 13.69 34.89
N VAL A 152 2.33 13.87 33.97
CA VAL A 152 3.63 14.46 34.29
C VAL A 152 3.53 15.69 35.19
N GLU A 153 4.08 15.58 36.39
CA GLU A 153 4.06 16.67 37.36
C GLU A 153 5.41 16.78 38.09
N THR A 154 6.32 15.88 37.75
CA THR A 154 7.65 15.83 38.35
C THR A 154 8.68 16.17 37.29
N MET A 155 9.81 16.74 37.72
CA MET A 155 10.86 17.10 36.79
C MET A 155 11.50 15.83 36.23
N GLU A 156 11.45 14.75 37.02
CA GLU A 156 12.03 13.49 36.56
C GLU A 156 11.03 12.72 35.70
N ASP A 157 9.74 12.82 36.03
CA ASP A 157 8.73 12.13 35.23
C ASP A 157 8.65 12.78 33.85
N LEU A 158 9.09 14.03 33.77
CA LEU A 158 9.09 14.76 32.51
C LEU A 158 10.25 14.27 31.66
N VAL A 159 11.38 14.00 32.31
CA VAL A 159 12.56 13.50 31.60
C VAL A 159 12.29 12.10 31.09
N THR A 160 11.46 11.36 31.82
CA THR A 160 11.09 10.00 31.44
C THR A 160 10.12 10.04 30.28
N TYR A 161 9.16 10.96 30.36
CA TYR A 161 8.16 11.13 29.32
C TYR A 161 8.88 11.43 28.02
N THR A 162 9.74 12.45 28.07
CA THR A 162 10.50 12.86 26.91
C THR A 162 11.30 11.70 26.34
N LYS A 163 11.89 10.90 27.24
CA LYS A 163 12.69 9.75 26.86
C LYS A 163 11.96 8.78 25.93
N ASN A 164 10.67 8.57 26.20
CA ASN A 164 9.88 7.66 25.36
C ASN A 164 9.34 8.38 24.11
N LEU A 165 8.69 9.51 24.32
CA LEU A 165 8.11 10.29 23.24
C LEU A 165 9.10 10.62 22.11
N GLY A 166 10.34 10.91 22.48
CA GLY A 166 11.34 11.23 21.48
C GLY A 166 11.42 10.19 20.38
N PRO A 167 11.82 8.96 20.71
CA PRO A 167 11.93 7.86 19.75
C PRO A 167 10.64 7.63 18.97
N GLY A 168 9.54 7.49 19.68
CA GLY A 168 8.26 7.26 19.04
C GLY A 168 8.00 8.24 17.92
N MET A 169 8.20 9.52 18.20
CA MET A 169 7.99 10.58 17.21
C MET A 169 8.93 10.37 16.03
N THR A 170 10.16 9.92 16.32
CA THR A 170 11.14 9.69 15.27
C THR A 170 10.71 8.54 14.36
N LYS A 171 10.18 7.48 14.96
CA LYS A 171 9.73 6.35 14.15
C LYS A 171 8.55 6.78 13.29
N MET A 172 7.60 7.48 13.89
CA MET A 172 6.43 7.93 13.13
C MET A 172 6.85 8.86 11.99
N ALA A 173 7.69 9.85 12.30
CA ALA A 173 8.15 10.79 11.29
C ALA A 173 8.80 10.07 10.11
N LYS A 174 9.60 9.05 10.39
CA LYS A 174 10.27 8.30 9.34
C LYS A 174 9.29 7.46 8.50
N MET A 175 8.31 6.85 9.16
CA MET A 175 7.32 6.05 8.45
C MET A 175 6.52 6.93 7.51
N ILE A 176 6.12 8.10 7.99
CA ILE A 176 5.33 9.02 7.16
C ILE A 176 6.12 9.61 6.00
N ASP A 177 7.40 9.88 6.22
CA ASP A 177 8.23 10.45 5.18
C ASP A 177 8.39 9.42 4.05
N GLU A 178 8.67 8.19 4.44
CA GLU A 178 8.84 7.12 3.48
C GLU A 178 7.52 6.77 2.81
N ARG A 179 6.44 6.79 3.57
CA ARG A 179 5.13 6.48 3.00
C ARG A 179 4.70 7.53 1.99
N GLN A 180 4.78 8.81 2.39
CA GLN A 180 4.37 9.89 1.49
C GLN A 180 5.08 9.82 0.14
N GLN A 181 6.38 9.51 0.16
CA GLN A 181 7.13 9.42 -1.08
C GLN A 181 6.62 8.34 -2.03
N GLU A 182 5.91 7.36 -1.50
CA GLU A 182 5.38 6.28 -2.31
C GLU A 182 4.04 6.59 -2.96
N LEU A 183 3.38 7.65 -2.51
CA LEU A 183 2.09 8.01 -3.06
C LEU A 183 2.17 8.58 -4.46
N THR A 184 1.16 8.28 -5.27
CA THR A 184 1.07 8.75 -6.65
C THR A 184 0.14 9.94 -6.76
N HIS A 185 -0.41 10.35 -5.61
CA HIS A 185 -1.30 11.50 -5.56
C HIS A 185 -0.62 12.60 -4.74
N GLN A 186 -0.16 13.63 -5.44
CA GLN A 186 0.54 14.74 -4.83
C GLN A 186 -0.21 15.42 -3.68
N GLU A 187 -1.48 15.75 -3.87
CA GLU A 187 -2.24 16.43 -2.82
C GLU A 187 -2.23 15.62 -1.52
N HIS A 188 -2.14 14.30 -1.65
CA HIS A 188 -2.11 13.44 -0.47
C HIS A 188 -0.74 13.50 0.18
N ARG A 189 0.30 13.60 -0.64
CA ARG A 189 1.65 13.71 -0.12
C ARG A 189 1.80 14.99 0.69
N VAL A 190 1.30 16.10 0.14
CA VAL A 190 1.42 17.38 0.82
C VAL A 190 0.70 17.40 2.16
N MET A 191 -0.50 16.84 2.22
CA MET A 191 -1.25 16.82 3.45
C MET A 191 -0.46 16.09 4.54
N LEU A 192 0.13 14.96 4.17
CA LEU A 192 0.91 14.18 5.11
C LEU A 192 2.17 14.95 5.54
N VAL A 193 2.81 15.60 4.59
CA VAL A 193 4.02 16.36 4.88
C VAL A 193 3.71 17.58 5.78
N ASN A 194 2.61 18.27 5.52
CA ASN A 194 2.24 19.43 6.34
C ASN A 194 1.80 19.06 7.75
N SER A 195 1.01 17.99 7.87
CA SER A 195 0.55 17.54 9.19
C SER A 195 1.76 17.08 10.00
N MET A 196 2.64 16.32 9.37
CA MET A 196 3.84 15.81 10.03
C MET A 196 4.75 16.94 10.50
N ASN A 197 4.89 17.98 9.68
CA ASN A 197 5.72 19.12 10.07
C ASN A 197 5.07 19.88 11.22
N THR A 198 3.74 19.94 11.22
CA THR A 198 3.05 20.63 12.30
C THR A 198 3.27 19.89 13.61
N VAL A 199 3.09 18.56 13.57
CA VAL A 199 3.28 17.73 14.75
C VAL A 199 4.75 17.76 15.16
N LYS A 200 5.64 17.82 14.17
CA LYS A 200 7.06 17.84 14.43
C LYS A 200 7.49 19.09 15.19
N GLU A 201 7.11 20.26 14.69
CA GLU A 201 7.49 21.50 15.32
C GLU A 201 6.81 21.71 16.68
N LEU A 202 5.69 21.04 16.90
CA LEU A 202 4.97 21.16 18.16
C LEU A 202 5.56 20.31 19.28
N LEU A 203 6.41 19.35 18.94
CA LEU A 203 7.02 18.48 19.95
C LEU A 203 7.77 19.28 21.01
N PRO A 204 8.62 20.24 20.59
CA PRO A 204 9.38 21.07 21.53
C PRO A 204 8.46 21.98 22.34
N VAL A 205 7.45 22.53 21.69
CA VAL A 205 6.48 23.39 22.34
C VAL A 205 5.76 22.62 23.44
N LEU A 206 5.46 21.35 23.18
CA LEU A 206 4.80 20.50 24.16
C LEU A 206 5.70 20.26 25.38
N ILE A 207 6.94 19.88 25.10
CA ILE A 207 7.93 19.63 26.15
C ILE A 207 8.15 20.89 26.97
N SER A 208 8.28 22.01 26.27
CA SER A 208 8.48 23.30 26.92
C SER A 208 7.27 23.66 27.78
N ALA A 209 6.08 23.27 27.32
CA ALA A 209 4.85 23.53 28.06
C ALA A 209 4.73 22.67 29.32
N MET A 210 5.15 21.41 29.22
CA MET A 210 5.08 20.51 30.36
C MET A 210 6.11 20.93 31.41
N LYS A 211 7.26 21.41 30.95
CA LYS A 211 8.31 21.85 31.87
C LYS A 211 7.85 23.10 32.62
N ILE A 212 7.27 24.05 31.89
CA ILE A 212 6.76 25.28 32.50
C ILE A 212 5.75 24.91 33.57
N PHE A 213 4.91 23.94 33.25
CA PHE A 213 3.89 23.47 34.17
C PHE A 213 4.52 22.83 35.40
N VAL A 214 5.46 21.92 35.20
CA VAL A 214 6.11 21.24 36.31
C VAL A 214 6.86 22.21 37.21
N THR A 215 7.74 23.03 36.64
CA THR A 215 8.49 23.99 37.46
C THR A 215 7.49 24.91 38.15
N THR A 216 6.31 25.07 37.54
CA THR A 216 5.26 25.90 38.10
C THR A 216 4.61 25.17 39.27
N LYS A 217 4.29 23.89 39.08
CA LYS A 217 3.67 23.10 40.14
C LYS A 217 4.70 22.52 41.11
N ASN A 218 5.77 23.26 41.32
CA ASN A 218 6.85 22.88 42.24
C ASN A 218 7.42 24.17 42.79
N THR A 219 6.72 25.25 42.50
CA THR A 219 7.07 26.59 42.96
C THR A 219 5.72 27.28 43.23
N LYS A 220 5.60 27.93 44.37
CA LYS A 220 4.34 28.58 44.71
C LYS A 220 3.89 29.60 43.66
N SER A 221 2.85 30.36 44.01
CA SER A 221 2.25 31.38 43.14
C SER A 221 1.55 30.83 41.90
N GLN A 222 0.43 31.46 41.57
CA GLN A 222 -0.45 31.05 40.47
C GLN A 222 -0.09 31.45 39.04
N GLY A 223 0.61 30.58 38.33
CA GLY A 223 0.93 30.84 36.93
C GLY A 223 0.55 29.50 36.36
N ILE A 224 0.00 28.71 37.28
CA ILE A 224 -0.42 27.33 37.06
C ILE A 224 -1.59 27.13 36.13
N GLU A 225 -2.68 27.88 36.33
CA GLU A 225 -3.84 27.74 35.47
C GLU A 225 -3.44 27.90 34.03
N GLU A 226 -2.65 28.94 33.75
CA GLU A 226 -2.20 29.20 32.40
C GLU A 226 -1.39 28.05 31.83
N ALA A 227 -0.29 27.69 32.52
CA ALA A 227 0.58 26.61 32.06
C ALA A 227 -0.23 25.42 31.57
N LEU A 228 -1.33 25.15 32.28
CA LEU A 228 -2.23 24.05 31.98
C LEU A 228 -2.92 24.20 30.62
N LYS A 229 -3.30 25.43 30.27
CA LYS A 229 -3.98 25.68 29.01
C LYS A 229 -3.13 25.40 27.77
N ASN A 230 -1.91 25.92 27.76
CA ASN A 230 -1.05 25.72 26.60
C ASN A 230 -0.62 24.29 26.41
N ARG A 231 -0.46 23.55 27.52
CA ARG A 231 -0.05 22.16 27.38
C ARG A 231 -1.21 21.42 26.71
N ASN A 232 -2.42 21.63 27.23
CA ASN A 232 -3.60 20.97 26.68
C ASN A 232 -3.84 21.35 25.23
N PHE A 233 -3.64 22.62 24.90
CA PHE A 233 -3.83 23.05 23.52
C PHE A 233 -2.92 22.25 22.61
N THR A 234 -1.64 22.24 22.96
CA THR A 234 -0.63 21.51 22.19
C THR A 234 -1.02 20.04 22.00
N VAL A 235 -1.36 19.35 23.08
CA VAL A 235 -1.76 17.95 23.02
C VAL A 235 -2.97 17.75 22.10
N GLU A 236 -3.82 18.77 22.01
CA GLU A 236 -5.00 18.68 21.16
C GLU A 236 -4.64 18.95 19.71
N LYS A 237 -3.79 19.94 19.48
CA LYS A 237 -3.40 20.27 18.12
C LYS A 237 -2.55 19.16 17.51
N MET A 238 -1.72 18.54 18.33
CA MET A 238 -0.89 17.45 17.85
C MET A 238 -1.79 16.25 17.52
N SER A 239 -2.65 15.90 18.47
CA SER A 239 -3.56 14.77 18.28
C SER A 239 -4.45 14.94 17.04
N ALA A 240 -4.90 16.16 16.81
CA ALA A 240 -5.75 16.47 15.67
C ALA A 240 -4.98 16.20 14.38
N GLU A 241 -3.73 16.63 14.31
CA GLU A 241 -2.92 16.43 13.12
C GLU A 241 -2.63 14.95 12.88
N ILE A 242 -2.34 14.21 13.94
CA ILE A 242 -2.06 12.78 13.81
C ILE A 242 -3.31 12.04 13.33
N ASN A 243 -4.48 12.53 13.74
CA ASN A 243 -5.72 11.91 13.30
C ASN A 243 -5.91 12.21 11.82
N GLU A 244 -5.52 13.41 11.40
CA GLU A 244 -5.62 13.79 9.99
C GLU A 244 -4.67 12.93 9.16
N ILE A 245 -3.51 12.61 9.75
CA ILE A 245 -2.51 11.77 9.10
C ILE A 245 -3.13 10.39 8.89
N ILE A 246 -3.76 9.85 9.95
CA ILE A 246 -4.40 8.55 9.88
C ILE A 246 -5.49 8.53 8.80
N ARG A 247 -6.22 9.62 8.67
CA ARG A 247 -7.29 9.72 7.69
C ARG A 247 -6.71 9.67 6.27
N VAL A 248 -5.75 10.56 6.00
CA VAL A 248 -5.11 10.64 4.69
C VAL A 248 -4.41 9.35 4.29
N LEU A 249 -3.86 8.64 5.27
CA LEU A 249 -3.17 7.38 5.02
C LEU A 249 -4.09 6.33 4.44
N GLN A 250 -5.39 6.52 4.64
CA GLN A 250 -6.40 5.57 4.19
C GLN A 250 -7.19 5.98 2.95
N LEU A 251 -6.95 7.20 2.47
CA LEU A 251 -7.62 7.70 1.28
C LEU A 251 -7.23 6.92 0.03
N THR A 252 -8.19 6.66 -0.84
CA THR A 252 -7.91 5.92 -2.06
C THR A 252 -9.06 5.90 -3.05
N SER A 253 -8.69 5.80 -4.33
CA SER A 253 -9.64 5.73 -5.43
C SER A 253 -9.51 4.28 -5.90
N TRP A 254 -8.72 3.54 -5.14
CA TRP A 254 -8.39 2.15 -5.44
C TRP A 254 -7.34 2.31 -6.53
N ASP A 255 -7.02 1.22 -7.23
CA ASP A 255 -6.05 1.32 -8.31
C ASP A 255 -6.07 0.08 -9.20
N GLY B 1 9.81 -8.04 3.25
CA GLY B 1 8.42 -7.91 2.70
C GLY B 1 8.38 -7.81 1.19
N ARG B 2 9.54 -7.79 0.55
CA ARG B 2 9.59 -7.71 -0.90
C ARG B 2 9.54 -9.03 -1.65
N PRO B 3 9.60 -10.17 -0.95
CA PRO B 3 9.55 -11.40 -1.76
C PRO B 3 8.21 -11.47 -2.51
N LEU B 4 7.14 -10.97 -1.88
CA LEU B 4 5.84 -10.95 -2.52
C LEU B 4 5.87 -9.99 -3.72
N LEU B 5 6.54 -8.85 -3.55
CA LEU B 5 6.65 -7.86 -4.61
C LEU B 5 7.45 -8.42 -5.80
N GLN B 6 8.51 -9.17 -5.50
CA GLN B 6 9.33 -9.76 -6.56
C GLN B 6 8.56 -10.87 -7.26
N ALA B 7 7.74 -11.61 -6.52
CA ALA B 7 6.94 -12.66 -7.13
C ALA B 7 5.96 -11.97 -8.08
N ALA B 8 5.40 -10.84 -7.65
CA ALA B 8 4.45 -10.10 -8.48
C ALA B 8 5.12 -9.54 -9.73
N LYS B 9 6.33 -8.98 -9.58
CA LYS B 9 7.04 -8.42 -10.72
C LYS B 9 7.34 -9.54 -11.72
N GLY B 10 7.65 -10.72 -11.19
CA GLY B 10 7.92 -11.86 -12.05
C GLY B 10 6.70 -12.25 -12.88
N LEU B 11 5.53 -12.27 -12.24
CA LEU B 11 4.31 -12.62 -12.96
C LEU B 11 4.02 -11.50 -13.97
N ALA B 12 4.21 -10.26 -13.56
CA ALA B 12 3.98 -9.13 -14.46
C ALA B 12 4.84 -9.33 -15.69
N GLY B 13 6.11 -9.67 -15.47
CA GLY B 13 7.00 -9.88 -16.58
C GLY B 13 6.53 -11.01 -17.48
N ALA B 14 6.10 -12.12 -16.89
CA ALA B 14 5.63 -13.27 -17.67
C ALA B 14 4.41 -12.92 -18.53
N VAL B 15 3.48 -12.15 -17.99
CA VAL B 15 2.29 -11.77 -18.74
C VAL B 15 2.72 -10.83 -19.87
N SER B 16 3.62 -9.90 -19.58
CA SER B 16 4.10 -8.97 -20.60
C SER B 16 4.70 -9.78 -21.76
N GLU B 17 5.47 -10.81 -21.43
CA GLU B 17 6.08 -11.64 -22.45
C GLU B 17 5.03 -12.37 -23.26
N LEU B 18 3.98 -12.83 -22.60
CA LEU B 18 2.89 -13.53 -23.28
C LEU B 18 2.21 -12.62 -24.29
N LEU B 19 1.83 -11.43 -23.84
CA LEU B 19 1.16 -10.45 -24.69
C LEU B 19 2.02 -10.08 -25.89
N ARG B 20 3.33 -10.04 -25.67
CA ARG B 20 4.27 -9.71 -26.74
C ARG B 20 4.32 -10.84 -27.76
N SER B 21 4.24 -12.08 -27.27
CA SER B 21 4.27 -13.24 -28.16
C SER B 21 2.96 -13.41 -28.93
N ALA B 22 1.87 -12.93 -28.34
CA ALA B 22 0.56 -13.04 -28.97
C ALA B 22 0.41 -12.13 -30.17
N GLN B 23 1.28 -11.14 -30.29
CA GLN B 23 1.20 -10.21 -31.40
C GLN B 23 1.41 -10.83 -32.76
N PRO B 24 0.36 -10.88 -33.59
CA PRO B 24 0.39 -11.44 -34.93
C PRO B 24 0.33 -10.28 -35.93
#